data_5MW8
#
_entry.id   5MW8
#
_cell.length_a   60.162
_cell.length_b   71.495
_cell.length_c   61.197
_cell.angle_alpha   90.00
_cell.angle_beta   111.37
_cell.angle_gamma   90.00
#
_symmetry.space_group_name_H-M   'P 1 21 1'
#
loop_
_entity.id
_entity.type
_entity.pdbx_description
1 polymer 'Inositol-pentakisphosphate 2-kinase'
2 non-polymer "ADENOSINE-5'-TRIPHOSPHATE"
3 non-polymer MYO-INOSITOL-(1,3,4,5,6)-PENTAKISPHOSPHATE
4 non-polymer 'ZINC ION'
5 non-polymer 'MAGNESIUM ION'
6 non-polymer 'ACETATE ION'
7 water water
#
_entity_poly.entity_id   1
_entity_poly.type   'polypeptide(L)'
_entity_poly.pdbx_seq_one_letter_code
;GEFMEEGKMDENEWSYHGEGNKSLVVAHAQRCVVLRFLKFPPNKKKTSEEILQHLQNIVDFGKNVMKDFLGENYVHCGEV
VQLPLEFVKQLCLKIQCERPESRCDKDLDTFSGYAMCLPNLTRLQTFHFAEHRPILCVEIKPKCGFIPFSNDVTHEMKHK
VCRYCMHQHLKVATGKWKKISKYCPLDLYSGNKQRMHFALRSLLQETQNNLRIFKNGELIYGCGDARSPVADLKELAHHL
KPFFFPSNGLASGPHCTKAVIRELVHVITRVLLSSSEKARAGALRLGLQGPRVCEASPFSRSLHNQGKNTSEHSGLPKGC
LLYKTLQVQMLDQLDIEGLYPLYKRVEQYLEEFPEERKTLQIDGPYDEVFYQKLLDLSTEDDGTVAFALTKVQQYRVAMT
AKDCSIMIALSPCLQGTSSDQRPVIPSSRSRLAFSVSVLDLDLKPYESIPHQYKLDSKIVNYYSKTVHAKD
;
_entity_poly.pdbx_strand_id   A
#
loop_
_chem_comp.id
_chem_comp.type
_chem_comp.name
_chem_comp.formula
5MY non-polymer MYO-INOSITOL-(1,3,4,5,6)-PENTAKISPHOSPHATE 'C6 H17 O21 P5'
ACT non-polymer 'ACETATE ION' 'C2 H3 O2 -1'
ATP non-polymer ADENOSINE-5'-TRIPHOSPHATE 'C10 H16 N5 O13 P3'
MG non-polymer 'MAGNESIUM ION' 'Mg 2'
ZN non-polymer 'ZINC ION' 'Zn 2'
#
# COMPACT_ATOMS: atom_id res chain seq x y z
N LYS A 8 -20.06 -8.59 23.68
CA LYS A 8 -19.10 -7.87 24.57
C LYS A 8 -17.65 -8.25 24.27
N MET A 9 -16.73 -7.37 24.68
CA MET A 9 -15.31 -7.45 24.29
C MET A 9 -14.46 -8.15 25.35
N ASP A 10 -13.59 -9.05 24.90
CA ASP A 10 -12.71 -9.85 25.76
C ASP A 10 -11.26 -9.66 25.33
N GLU A 11 -10.40 -9.28 26.28
CA GLU A 11 -8.97 -9.01 26.01
C GLU A 11 -8.20 -10.15 25.32
N ASN A 12 -8.52 -11.39 25.72
CA ASN A 12 -7.79 -12.59 25.26
C ASN A 12 -8.34 -13.20 23.96
N GLU A 13 -9.45 -12.68 23.45
CA GLU A 13 -10.05 -13.17 22.21
C GLU A 13 -9.44 -12.51 20.96
N TRP A 14 -8.75 -11.38 21.16
CA TRP A 14 -8.03 -10.66 20.10
C TRP A 14 -6.53 -10.89 20.19
N SER A 15 -5.88 -11.02 19.03
CA SER A 15 -4.44 -11.30 18.94
C SER A 15 -3.78 -10.29 18.02
N TYR A 16 -2.51 -9.98 18.28
CA TYR A 16 -1.70 -9.09 17.44
C TYR A 16 -1.59 -9.66 16.02
N HIS A 17 -1.78 -8.80 15.03
CA HIS A 17 -1.68 -9.20 13.63
C HIS A 17 -0.56 -8.46 12.91
N GLY A 18 -0.56 -7.14 12.97
CA GLY A 18 0.52 -6.36 12.37
C GLY A 18 0.42 -4.86 12.60
N GLU A 19 1.42 -4.15 12.08
CA GLU A 19 1.45 -2.68 12.11
C GLU A 19 2.39 -2.07 11.07
N GLY A 20 2.08 -0.84 10.65
CA GLY A 20 3.02 0.06 10.00
C GLY A 20 3.43 1.08 11.04
N ASN A 21 3.66 2.33 10.64
CA ASN A 21 3.93 3.40 11.63
C ASN A 21 2.77 4.39 11.84
N LYS A 22 1.64 4.20 11.15
CA LYS A 22 0.42 4.96 11.44
C LYS A 22 -0.58 4.18 12.28
N SER A 23 -0.70 2.87 12.04
CA SER A 23 -1.73 2.07 12.70
C SER A 23 -1.27 0.68 13.10
N LEU A 24 -2.04 0.06 14.01
CA LEU A 24 -1.80 -1.29 14.51
C LEU A 24 -3.08 -2.10 14.31
N VAL A 25 -2.92 -3.38 13.98
CA VAL A 25 -4.03 -4.28 13.68
C VAL A 25 -4.01 -5.49 14.61
N VAL A 26 -5.19 -5.81 15.16
CA VAL A 26 -5.39 -6.99 16.01
C VAL A 26 -6.53 -7.84 15.44
N ALA A 27 -6.28 -9.13 15.29
CA ALA A 27 -7.22 -10.07 14.68
C ALA A 27 -7.95 -10.87 15.75
N HIS A 28 -9.24 -11.10 15.54
CA HIS A 28 -10.08 -11.86 16.46
C HIS A 28 -10.00 -13.34 16.11
N ALA A 29 -9.74 -14.19 17.10
CA ALA A 29 -9.55 -15.63 16.86
C ALA A 29 -10.77 -16.35 16.27
N GLN A 30 -11.98 -15.97 16.71
CA GLN A 30 -13.23 -16.61 16.28
C GLN A 30 -13.79 -16.00 14.97
N ARG A 31 -14.56 -14.91 15.07
CA ARG A 31 -15.00 -14.11 13.90
C ARG A 31 -13.86 -13.70 12.96
N CYS A 32 -14.23 -13.44 11.71
CA CYS A 32 -13.32 -13.03 10.66
C CYS A 32 -13.32 -11.50 10.52
N VAL A 33 -12.85 -10.83 11.57
CA VAL A 33 -12.72 -9.37 11.59
C VAL A 33 -11.45 -8.95 12.33
N VAL A 34 -10.97 -7.76 12.00
CA VAL A 34 -9.81 -7.14 12.66
C VAL A 34 -10.21 -5.75 13.12
N LEU A 35 -9.50 -5.23 14.11
CA LEU A 35 -9.63 -3.84 14.52
C LEU A 35 -8.33 -3.07 14.27
N ARG A 36 -8.44 -1.99 13.51
CA ARG A 36 -7.31 -1.12 13.16
C ARG A 36 -7.32 0.09 14.08
N PHE A 37 -6.28 0.23 14.90
CA PHE A 37 -6.13 1.33 15.85
C PHE A 37 -5.06 2.29 15.35
N LEU A 38 -5.23 3.59 15.62
CA LEU A 38 -4.20 4.58 15.34
C LEU A 38 -3.06 4.49 16.33
N LYS A 39 -1.95 5.13 16.00
CA LYS A 39 -0.77 5.19 16.87
C LYS A 39 -0.29 6.62 17.00
N PHE A 40 0.13 6.99 18.22
CA PHE A 40 0.69 8.32 18.50
C PHE A 40 1.90 8.17 19.42
N PRO A 41 2.85 9.13 19.37
CA PRO A 41 3.91 9.16 20.40
C PRO A 41 3.37 9.48 21.81
N PRO A 42 4.21 9.30 22.86
CA PRO A 42 3.80 9.66 24.24
C PRO A 42 3.31 11.11 24.36
N ASN A 43 3.97 12.04 23.65
CA ASN A 43 3.49 13.41 23.52
C ASN A 43 2.23 13.48 22.67
N LYS A 46 -3.78 13.95 20.38
CA LYS A 46 -4.96 14.49 19.71
C LYS A 46 -6.21 14.36 20.58
N THR A 47 -7.25 15.09 20.19
CA THR A 47 -8.55 15.06 20.87
C THR A 47 -9.34 13.85 20.40
N SER A 48 -10.32 13.42 21.21
CA SER A 48 -11.22 12.32 20.84
C SER A 48 -12.02 12.60 19.56
N GLU A 49 -12.49 13.84 19.42
CA GLU A 49 -13.19 14.30 18.24
C GLU A 49 -12.31 14.30 16.97
N GLU A 50 -11.08 14.75 17.11
CA GLU A 50 -10.10 14.74 16.00
C GLU A 50 -9.87 13.34 15.44
N ILE A 51 -9.77 12.36 16.32
CA ILE A 51 -9.57 10.96 15.94
C ILE A 51 -10.80 10.39 15.22
N LEU A 52 -11.99 10.72 15.72
CA LEU A 52 -13.26 10.26 15.14
C LEU A 52 -13.40 10.71 13.68
N GLN A 53 -13.13 11.98 13.42
CA GLN A 53 -13.16 12.52 12.07
C GLN A 53 -12.07 11.90 11.22
N HIS A 54 -10.86 11.84 11.77
CA HIS A 54 -9.70 11.24 11.10
C HIS A 54 -9.99 9.82 10.64
N LEU A 55 -10.56 9.02 11.54
CA LEU A 55 -10.96 7.65 11.21
C LEU A 55 -12.11 7.60 10.20
N GLN A 56 -13.07 8.51 10.36
CA GLN A 56 -14.22 8.59 9.45
C GLN A 56 -13.82 9.09 8.06
N ASN A 57 -12.79 9.93 7.99
CA ASN A 57 -12.20 10.35 6.71
C ASN A 57 -11.59 9.21 5.91
N ILE A 58 -11.07 8.20 6.61
CA ILE A 58 -10.46 7.04 5.96
C ILE A 58 -11.54 6.21 5.27
N VAL A 59 -12.72 6.16 5.88
CA VAL A 59 -13.86 5.41 5.34
C VAL A 59 -14.48 6.17 4.17
N ASP A 60 -14.69 7.47 4.35
CA ASP A 60 -15.20 8.35 3.28
C ASP A 60 -14.31 8.30 2.04
N PHE A 61 -13.00 8.46 2.25
CA PHE A 61 -12.03 8.38 1.16
C PHE A 61 -12.06 7.01 0.47
N GLY A 62 -12.21 5.95 1.26
CA GLY A 62 -12.33 4.60 0.71
C GLY A 62 -13.57 4.41 -0.15
N LYS A 63 -14.74 4.81 0.38
CA LYS A 63 -16.03 4.71 -0.33
C LYS A 63 -16.09 5.60 -1.55
N ASN A 64 -15.78 6.88 -1.37
CA ASN A 64 -16.05 7.92 -2.37
C ASN A 64 -14.95 8.17 -3.40
N VAL A 65 -13.75 7.63 -3.18
CA VAL A 65 -12.63 7.85 -4.11
C VAL A 65 -12.00 6.55 -4.62
N MET A 66 -11.62 5.67 -3.70
CA MET A 66 -10.85 4.49 -4.06
C MET A 66 -11.67 3.37 -4.67
N LYS A 67 -12.94 3.24 -4.27
CA LYS A 67 -13.87 2.30 -4.94
C LYS A 67 -14.10 2.64 -6.41
N ASP A 68 -14.05 3.93 -6.77
CA ASP A 68 -14.10 4.36 -8.17
C ASP A 68 -12.83 4.00 -8.95
N PHE A 69 -11.67 4.38 -8.42
CA PHE A 69 -10.41 4.17 -9.10
C PHE A 69 -10.02 2.70 -9.18
N LEU A 70 -10.34 1.93 -8.14
CA LEU A 70 -9.87 0.54 -8.04
C LEU A 70 -10.96 -0.53 -8.12
N GLY A 71 -12.23 -0.17 -7.93
CA GLY A 71 -13.34 -1.12 -8.05
C GLY A 71 -13.95 -1.50 -6.72
N GLU A 72 -15.27 -1.72 -6.73
CA GLU A 72 -16.07 -1.95 -5.52
C GLU A 72 -15.64 -3.19 -4.76
N ASN A 73 -15.45 -4.28 -5.51
CA ASN A 73 -15.10 -5.59 -4.94
C ASN A 73 -13.66 -5.68 -4.44
N TYR A 74 -12.75 -4.91 -5.04
CA TYR A 74 -11.34 -4.88 -4.63
C TYR A 74 -11.04 -4.05 -3.35
N VAL A 75 -11.99 -3.23 -2.88
CA VAL A 75 -11.77 -2.36 -1.70
C VAL A 75 -12.77 -2.66 -0.59
N HIS A 76 -12.28 -2.75 0.65
CA HIS A 76 -13.11 -3.00 1.84
C HIS A 76 -12.68 -2.07 2.98
N CYS A 77 -13.49 -1.06 3.25
CA CYS A 77 -13.21 -0.08 4.31
C CYS A 77 -14.40 -0.06 5.28
N GLY A 78 -14.45 -1.08 6.13
CA GLY A 78 -15.53 -1.23 7.10
C GLY A 78 -15.61 -0.08 8.10
N GLU A 79 -16.82 0.14 8.60
CA GLU A 79 -17.17 1.30 9.43
C GLU A 79 -16.32 1.51 10.70
N VAL A 80 -16.41 2.72 11.23
CA VAL A 80 -15.74 3.11 12.48
C VAL A 80 -16.58 2.58 13.65
N VAL A 81 -15.90 2.05 14.66
CA VAL A 81 -16.56 1.42 15.82
C VAL A 81 -16.01 1.97 17.14
N GLN A 82 -16.87 2.01 18.16
CA GLN A 82 -16.49 2.48 19.50
C GLN A 82 -16.36 1.30 20.46
N LEU A 83 -15.49 1.46 21.45
CA LEU A 83 -15.19 0.42 22.43
C LEU A 83 -15.11 1.00 23.85
N PRO A 84 -15.24 0.16 24.88
CA PRO A 84 -14.95 0.60 26.24
C PRO A 84 -13.46 0.86 26.45
N LEU A 85 -13.14 1.91 27.20
CA LEU A 85 -11.75 2.34 27.41
C LEU A 85 -10.91 1.37 28.25
N GLU A 86 -11.57 0.53 29.06
CA GLU A 86 -10.87 -0.50 29.82
C GLU A 86 -10.34 -1.59 28.87
N PHE A 87 -11.21 -2.05 27.97
CA PHE A 87 -10.85 -3.06 26.97
C PHE A 87 -9.64 -2.69 26.10
N VAL A 88 -9.53 -1.41 25.74
CA VAL A 88 -8.42 -0.93 24.91
C VAL A 88 -7.12 -0.96 25.74
N LYS A 89 -7.18 -0.44 26.97
CA LYS A 89 -6.06 -0.55 27.92
C LYS A 89 -5.66 -2.00 28.15
N GLN A 90 -6.63 -2.83 28.54
CA GLN A 90 -6.44 -4.27 28.78
C GLN A 90 -5.74 -4.96 27.61
N LEU A 91 -6.19 -4.65 26.39
CA LEU A 91 -5.60 -5.19 25.17
C LEU A 91 -4.18 -4.68 24.91
N CYS A 92 -3.96 -3.38 25.14
CA CYS A 92 -2.68 -2.74 24.86
C CYS A 92 -1.52 -3.40 25.59
N LEU A 93 -1.66 -3.54 26.91
CA LEU A 93 -0.60 -4.16 27.74
C LEU A 93 -0.31 -5.61 27.37
N LYS A 94 -1.35 -6.39 27.11
CA LYS A 94 -1.22 -7.79 26.68
C LYS A 94 -0.31 -7.97 25.46
N ILE A 95 -0.47 -7.07 24.49
CA ILE A 95 0.15 -7.20 23.16
C ILE A 95 1.56 -6.59 23.07
N GLN A 96 1.92 -5.70 23.99
CA GLN A 96 3.21 -4.99 23.95
C GLN A 96 4.43 -5.87 23.63
N CYS A 97 4.47 -7.09 24.16
CA CYS A 97 5.55 -8.04 23.91
C CYS A 97 5.62 -8.53 22.45
N GLU A 98 4.46 -8.63 21.80
CA GLU A 98 4.36 -9.08 20.40
C GLU A 98 4.98 -8.10 19.40
N ARG A 99 4.86 -6.80 19.68
CA ARG A 99 5.30 -5.74 18.78
C ARG A 99 6.83 -5.77 18.61
N PRO A 100 7.33 -5.56 17.37
CA PRO A 100 8.78 -5.48 17.17
C PRO A 100 9.33 -4.20 17.78
N GLU A 101 10.57 -4.26 18.26
CA GLU A 101 11.13 -3.19 19.11
C GLU A 101 11.29 -1.84 18.38
N SER A 102 11.49 -1.87 17.07
CA SER A 102 11.61 -0.64 16.27
C SER A 102 10.33 0.21 16.24
N ARG A 103 9.17 -0.43 16.19
CA ARG A 103 7.88 0.27 16.14
C ARG A 103 7.46 0.88 17.48
N CYS A 104 8.07 0.45 18.58
CA CYS A 104 7.62 0.81 19.94
C CYS A 104 7.83 2.26 20.39
N ASP A 105 8.43 3.10 19.53
CA ASP A 105 8.51 4.55 19.77
C ASP A 105 7.12 5.16 19.85
N LYS A 106 6.26 4.81 18.88
CA LYS A 106 4.86 5.23 18.90
C LYS A 106 4.02 4.26 19.73
N ASP A 107 3.16 4.82 20.59
CA ASP A 107 2.26 4.04 21.44
C ASP A 107 0.89 3.91 20.79
N LEU A 108 0.08 3.02 21.33
CA LEU A 108 -1.26 2.74 20.80
C LEU A 108 -2.27 3.81 21.21
N ASP A 109 -3.27 4.01 20.35
CA ASP A 109 -4.42 4.89 20.65
C ASP A 109 -5.27 4.27 21.76
N THR A 110 -4.98 4.66 22.99
CA THR A 110 -5.61 4.10 24.18
C THR A 110 -6.67 5.02 24.81
N PHE A 111 -6.56 6.33 24.60
CA PHE A 111 -7.41 7.33 25.28
C PHE A 111 -8.74 7.61 24.57
N SER A 112 -8.82 7.38 23.26
CA SER A 112 -10.00 7.78 22.48
C SER A 112 -11.18 6.81 22.62
N GLY A 113 -10.89 5.52 22.54
CA GLY A 113 -11.92 4.48 22.55
C GLY A 113 -12.54 4.21 21.19
N TYR A 114 -11.93 4.71 20.11
CA TYR A 114 -12.38 4.48 18.74
C TYR A 114 -11.38 3.62 17.97
N ALA A 115 -11.91 2.85 17.02
CA ALA A 115 -11.10 2.07 16.09
C ALA A 115 -11.91 1.77 14.84
N MET A 116 -11.25 1.20 13.83
CA MET A 116 -11.89 0.87 12.56
C MET A 116 -12.00 -0.64 12.46
N CYS A 117 -13.21 -1.15 12.23
CA CYS A 117 -13.44 -2.59 12.10
C CYS A 117 -13.47 -2.97 10.62
N LEU A 118 -12.54 -3.84 10.22
CA LEU A 118 -12.46 -4.32 8.84
C LEU A 118 -12.55 -5.84 8.79
N PRO A 119 -12.94 -6.39 7.63
CA PRO A 119 -12.87 -7.85 7.46
C PRO A 119 -11.42 -8.35 7.41
N ASN A 120 -11.16 -9.46 8.09
CA ASN A 120 -9.84 -10.07 8.06
C ASN A 120 -9.62 -10.72 6.70
N LEU A 121 -8.71 -10.13 5.92
CA LEU A 121 -8.42 -10.61 4.57
C LEU A 121 -7.47 -11.82 4.53
N THR A 122 -6.90 -12.20 5.68
CA THR A 122 -6.06 -13.42 5.79
C THR A 122 -6.83 -14.69 6.21
N ARG A 123 -8.07 -14.55 6.69
CA ARG A 123 -8.88 -15.70 7.14
C ARG A 123 -9.94 -16.14 6.13
N LEU A 124 -10.70 -15.20 5.59
CA LEU A 124 -11.68 -15.49 4.52
C LEU A 124 -11.87 -14.28 3.61
N HIS A 132 -14.16 -24.48 7.13
CA HIS A 132 -13.31 -25.61 7.47
C HIS A 132 -12.08 -25.77 6.57
N ARG A 133 -12.14 -25.23 5.35
CA ARG A 133 -11.03 -25.32 4.38
C ARG A 133 -9.83 -24.46 4.80
N PRO A 134 -8.62 -24.80 4.29
CA PRO A 134 -7.43 -23.99 4.61
C PRO A 134 -7.34 -22.72 3.76
N ILE A 135 -6.54 -21.75 4.21
CA ILE A 135 -6.32 -20.48 3.49
C ILE A 135 -4.87 -19.99 3.54
N LEU A 136 -4.34 -19.64 2.37
CA LEU A 136 -3.00 -19.11 2.20
C LEU A 136 -3.15 -17.69 1.65
N CYS A 137 -2.44 -16.74 2.26
CA CYS A 137 -2.55 -15.33 1.87
C CYS A 137 -1.19 -14.66 1.71
N VAL A 138 -0.99 -14.03 0.55
CA VAL A 138 0.25 -13.32 0.21
C VAL A 138 -0.02 -11.81 0.16
N GLU A 139 0.64 -11.06 1.04
CA GLU A 139 0.51 -9.59 1.12
C GLU A 139 1.75 -8.94 0.52
N ILE A 140 1.54 -8.01 -0.40
CA ILE A 140 2.63 -7.32 -1.11
C ILE A 140 2.46 -5.82 -0.98
N LYS A 141 3.57 -5.13 -0.78
CA LYS A 141 3.64 -3.67 -0.82
C LYS A 141 4.49 -3.34 -2.05
N PRO A 142 3.84 -3.18 -3.23
CA PRO A 142 4.60 -3.14 -4.48
C PRO A 142 5.40 -1.85 -4.73
N LYS A 143 4.99 -0.75 -4.10
CA LYS A 143 5.58 0.57 -4.29
C LYS A 143 5.35 1.11 -5.72
N CYS A 144 5.98 2.25 -6.03
CA CYS A 144 5.69 2.96 -7.27
C CYS A 144 6.12 2.21 -8.52
N GLY A 145 5.19 2.03 -9.45
CA GLY A 145 5.39 1.21 -10.64
C GLY A 145 5.92 1.90 -11.89
N PHE A 146 6.26 3.19 -11.80
CA PHE A 146 6.78 3.93 -12.94
C PHE A 146 7.95 4.82 -12.56
N ILE A 147 8.78 5.13 -13.56
CA ILE A 147 9.90 6.05 -13.41
C ILE A 147 9.42 7.44 -13.86
N PRO A 148 9.68 8.48 -13.04
CA PRO A 148 9.10 9.79 -13.34
C PRO A 148 9.54 10.34 -14.69
N PHE A 149 8.61 10.98 -15.37
CA PHE A 149 8.76 11.44 -16.75
C PHE A 149 8.80 12.97 -16.89
N SER A 150 8.53 13.68 -15.80
CA SER A 150 8.26 15.12 -15.85
C SER A 150 9.52 15.93 -16.11
N ASN A 151 9.37 16.99 -16.90
CA ASN A 151 10.46 17.92 -17.19
C ASN A 151 10.86 18.85 -16.02
N ASP A 152 10.08 18.82 -14.92
CA ASP A 152 10.39 19.59 -13.72
C ASP A 152 11.53 19.02 -12.87
N VAL A 153 11.89 17.75 -13.09
CA VAL A 153 12.94 17.13 -12.27
C VAL A 153 14.31 17.67 -12.69
N THR A 154 15.15 17.96 -11.70
CA THR A 154 16.45 18.59 -11.91
C THR A 154 17.62 17.62 -11.69
N HIS A 155 17.30 16.34 -11.46
CA HIS A 155 18.29 15.27 -11.38
C HIS A 155 17.99 14.32 -12.52
N GLU A 156 18.96 14.12 -13.43
CA GLU A 156 18.76 13.24 -14.60
C GLU A 156 18.71 11.75 -14.24
N MET A 157 19.26 11.39 -13.07
CA MET A 157 19.17 10.01 -12.54
C MET A 157 17.75 9.53 -12.25
N LYS A 158 16.85 10.44 -11.91
CA LYS A 158 15.44 10.10 -11.66
C LYS A 158 14.70 9.57 -12.89
N HIS A 159 15.17 9.93 -14.08
CA HIS A 159 14.64 9.39 -15.33
C HIS A 159 15.16 7.97 -15.69
N LYS A 160 16.20 7.50 -14.99
CA LYS A 160 16.86 6.24 -15.30
C LYS A 160 16.54 5.10 -14.33
N VAL A 161 16.59 5.41 -13.03
CA VAL A 161 16.38 4.42 -11.97
C VAL A 161 15.10 4.74 -11.20
N CYS A 162 14.37 3.70 -10.77
CA CYS A 162 13.14 3.89 -10.00
C CYS A 162 13.45 4.39 -8.59
N ARG A 163 12.44 5.01 -7.99
CA ARG A 163 12.51 5.48 -6.61
C ARG A 163 12.95 4.36 -5.67
N TYR A 164 12.24 3.23 -5.74
CA TYR A 164 12.50 2.08 -4.87
C TYR A 164 13.97 1.64 -4.90
N CYS A 165 14.48 1.30 -6.08
CA CYS A 165 15.85 0.79 -6.22
C CYS A 165 16.90 1.80 -5.79
N MET A 166 16.66 3.08 -6.08
CA MET A 166 17.49 4.16 -5.54
C MET A 166 17.45 4.21 -4.02
N HIS A 167 16.23 4.26 -3.48
CA HIS A 167 15.98 4.35 -2.02
C HIS A 167 16.68 3.23 -1.24
N GLN A 168 16.71 2.02 -1.81
CA GLN A 168 17.37 0.86 -1.19
C GLN A 168 18.79 1.12 -0.63
N HIS A 169 19.58 1.91 -1.34
CA HIS A 169 20.97 2.20 -0.92
C HIS A 169 21.07 2.92 0.41
N LEU A 170 20.23 3.94 0.59
CA LEU A 170 20.19 4.71 1.84
C LEU A 170 19.62 3.91 3.01
N LYS A 171 18.73 2.97 2.71
CA LYS A 171 18.09 2.14 3.74
C LYS A 171 19.06 1.11 4.30
N VAL A 172 19.88 0.53 3.43
CA VAL A 172 20.90 -0.44 3.85
C VAL A 172 22.06 0.26 4.56
N ALA A 173 22.50 1.40 4.02
CA ALA A 173 23.52 2.22 4.67
C ALA A 173 23.10 2.74 6.05
N THR A 174 21.80 2.97 6.23
CA THR A 174 21.22 3.40 7.51
C THR A 174 21.04 2.25 8.52
N GLY A 175 21.03 1.01 8.04
CA GLY A 175 20.80 -0.17 8.89
C GLY A 175 19.33 -0.47 9.11
N LYS A 176 18.49 -0.11 8.13
CA LYS A 176 17.07 -0.44 8.12
C LYS A 176 16.93 -1.92 7.76
N TRP A 177 17.65 -2.33 6.71
CA TRP A 177 17.71 -3.72 6.25
C TRP A 177 19.16 -4.14 6.04
N LYS A 178 19.38 -5.45 5.95
CA LYS A 178 20.73 -6.01 5.90
C LYS A 178 21.40 -5.90 4.52
N LYS A 179 20.63 -6.02 3.44
CA LYS A 179 21.20 -5.91 2.07
C LYS A 179 20.19 -5.41 1.03
N ILE A 180 20.72 -4.98 -0.11
CA ILE A 180 19.93 -4.37 -1.15
C ILE A 180 19.07 -5.43 -1.86
N SER A 181 17.78 -5.14 -1.99
CA SER A 181 16.86 -6.03 -2.69
C SER A 181 17.02 -5.88 -4.19
N LYS A 182 16.90 -6.99 -4.91
CA LYS A 182 16.94 -6.99 -6.36
C LYS A 182 15.57 -6.70 -6.96
N TYR A 183 14.53 -6.70 -6.12
CA TYR A 183 13.19 -6.31 -6.55
C TYR A 183 13.21 -4.89 -7.11
N CYS A 184 12.71 -4.76 -8.33
CA CYS A 184 12.41 -3.48 -8.94
C CYS A 184 10.91 -3.49 -9.25
N PRO A 185 10.15 -2.47 -8.80
CA PRO A 185 8.71 -2.48 -9.07
C PRO A 185 8.34 -2.54 -10.55
N LEU A 186 9.13 -1.92 -11.42
CA LEU A 186 8.86 -1.95 -12.86
C LEU A 186 8.91 -3.35 -13.49
N ASP A 187 9.62 -4.30 -12.86
CA ASP A 187 9.56 -5.70 -13.26
C ASP A 187 8.19 -6.32 -12.95
N LEU A 188 7.68 -6.03 -11.75
CA LEU A 188 6.37 -6.51 -11.33
C LEU A 188 5.23 -5.83 -12.10
N TYR A 189 5.33 -4.51 -12.27
CA TYR A 189 4.31 -3.74 -13.01
C TYR A 189 4.38 -3.88 -14.53
N SER A 190 5.41 -4.53 -15.08
CA SER A 190 5.39 -4.91 -16.49
C SER A 190 4.42 -6.07 -16.67
N GLY A 191 3.92 -6.25 -17.89
CA GLY A 191 3.11 -7.42 -18.23
C GLY A 191 3.90 -8.73 -18.29
N ASN A 192 5.21 -8.63 -18.56
CA ASN A 192 6.08 -9.77 -18.83
C ASN A 192 6.15 -10.75 -17.64
N LYS A 193 5.77 -12.00 -17.89
CA LYS A 193 5.77 -13.04 -16.85
C LYS A 193 7.17 -13.35 -16.32
N GLN A 194 8.18 -13.31 -17.20
CA GLN A 194 9.56 -13.58 -16.81
C GLN A 194 10.13 -12.49 -15.88
N ARG A 195 9.80 -11.24 -16.15
CA ARG A 195 10.15 -10.11 -15.27
C ARG A 195 9.39 -10.20 -13.95
N MET A 196 8.10 -10.49 -14.04
CA MET A 196 7.26 -10.66 -12.85
C MET A 196 7.73 -11.83 -11.96
N HIS A 197 8.25 -12.90 -12.56
CA HIS A 197 8.81 -14.02 -11.80
C HIS A 197 10.06 -13.61 -11.03
N PHE A 198 10.96 -12.90 -11.72
CA PHE A 198 12.19 -12.42 -11.10
C PHE A 198 11.93 -11.47 -9.92
N ALA A 199 10.95 -10.57 -10.10
CA ALA A 199 10.54 -9.66 -9.03
C ALA A 199 10.06 -10.38 -7.77
N LEU A 200 9.22 -11.40 -7.97
CA LEU A 200 8.64 -12.15 -6.85
C LEU A 200 9.67 -13.03 -6.14
N ARG A 201 10.59 -13.63 -6.90
CA ARG A 201 11.74 -14.32 -6.30
C ARG A 201 12.56 -13.35 -5.45
N SER A 202 12.80 -12.16 -5.98
CA SER A 202 13.57 -11.13 -5.29
C SER A 202 12.92 -10.68 -3.99
N LEU A 203 11.59 -10.55 -3.99
CA LEU A 203 10.82 -10.29 -2.77
C LEU A 203 10.91 -11.46 -1.78
N LEU A 204 10.87 -12.69 -2.29
CA LEU A 204 11.03 -13.88 -1.46
C LEU A 204 12.42 -13.96 -0.80
N GLN A 205 13.45 -13.57 -1.54
CA GLN A 205 14.83 -13.53 -1.01
C GLN A 205 14.96 -12.48 0.11
N GLU A 206 14.65 -11.23 -0.23
CA GLU A 206 14.80 -10.11 0.69
C GLU A 206 13.45 -9.43 0.87
N THR A 207 12.70 -9.86 1.89
CA THR A 207 11.30 -9.47 2.05
C THR A 207 11.13 -8.03 2.52
N GLN A 208 11.94 -7.61 3.49
CA GLN A 208 11.86 -6.26 4.07
C GLN A 208 10.42 -6.01 4.57
N ASN A 209 9.76 -4.93 4.12
CA ASN A 209 8.36 -4.66 4.44
C ASN A 209 7.46 -4.78 3.22
N ASN A 210 7.97 -5.44 2.19
CA ASN A 210 7.31 -5.55 0.89
C ASN A 210 6.68 -6.91 0.61
N LEU A 211 6.92 -7.90 1.46
CA LEU A 211 6.28 -9.21 1.33
C LEU A 211 6.02 -9.83 2.71
N ARG A 212 4.82 -10.42 2.85
CA ARG A 212 4.44 -11.20 4.02
C ARG A 212 3.54 -12.35 3.58
N ILE A 213 3.66 -13.50 4.23
CA ILE A 213 2.84 -14.65 3.90
C ILE A 213 2.13 -15.16 5.16
N PHE A 214 0.85 -15.50 4.99
CA PHE A 214 0.00 -15.96 6.09
C PHE A 214 -0.64 -17.30 5.73
N LYS A 215 -0.76 -18.19 6.72
CA LYS A 215 -1.48 -19.45 6.55
C LYS A 215 -2.52 -19.56 7.66
N ASN A 216 -3.80 -19.55 7.30
CA ASN A 216 -4.91 -19.58 8.26
C ASN A 216 -4.82 -18.45 9.29
N GLY A 217 -4.58 -17.23 8.79
CA GLY A 217 -4.48 -16.03 9.65
C GLY A 217 -3.27 -15.96 10.54
N GLU A 218 -2.21 -16.70 10.19
CA GLU A 218 -1.00 -16.82 10.99
C GLU A 218 0.16 -16.42 10.09
N LEU A 219 0.96 -15.44 10.50
CA LEU A 219 2.14 -15.03 9.73
C LEU A 219 3.18 -16.14 9.71
N ILE A 220 3.71 -16.44 8.53
CA ILE A 220 4.69 -17.51 8.37
C ILE A 220 5.96 -17.15 7.58
N TYR A 221 6.20 -15.88 7.25
CA TYR A 221 7.43 -15.54 6.50
C TYR A 221 8.09 -14.16 6.76
N GLY A 222 7.57 -13.10 6.15
CA GLY A 222 8.33 -11.85 6.01
C GLY A 222 8.15 -10.80 7.09
N CYS A 223 8.42 -11.16 8.35
CA CYS A 223 8.32 -10.27 9.52
C CYS A 223 7.21 -9.21 9.43
N ASP A 232 13.47 -18.00 6.21
CA ASP A 232 14.03 -19.24 5.71
C ASP A 232 13.14 -19.84 4.62
N LEU A 233 13.74 -20.08 3.45
CA LEU A 233 13.00 -20.51 2.26
C LEU A 233 12.54 -21.97 2.34
N LYS A 234 13.36 -22.82 2.96
CA LYS A 234 13.00 -24.23 3.19
C LYS A 234 11.88 -24.40 4.21
N GLU A 235 11.82 -23.51 5.21
CA GLU A 235 10.73 -23.53 6.20
C GLU A 235 9.40 -23.13 5.56
N LEU A 236 9.44 -22.22 4.59
CA LEU A 236 8.25 -21.82 3.84
C LEU A 236 7.65 -23.03 3.12
N ALA A 237 8.52 -23.83 2.49
CA ALA A 237 8.10 -25.04 1.78
C ALA A 237 7.34 -26.04 2.66
N HIS A 238 7.76 -26.22 3.91
CA HIS A 238 7.00 -27.06 4.87
C HIS A 238 5.52 -26.65 4.87
N HIS A 239 5.29 -25.35 5.06
CA HIS A 239 3.92 -24.81 5.17
C HIS A 239 3.14 -24.80 3.85
N LEU A 240 3.82 -24.53 2.74
CA LEU A 240 3.16 -24.42 1.44
C LEU A 240 2.93 -25.74 0.71
N LYS A 241 3.58 -26.82 1.14
CA LYS A 241 3.48 -28.10 0.43
C LYS A 241 2.08 -28.74 0.50
N PRO A 242 1.42 -28.72 1.69
CA PRO A 242 0.02 -29.15 1.78
C PRO A 242 -0.93 -28.46 0.80
N PHE A 243 -0.68 -27.19 0.51
CA PHE A 243 -1.50 -26.43 -0.44
C PHE A 243 -1.37 -26.89 -1.88
N PHE A 244 -0.19 -26.68 -2.47
CA PHE A 244 0.03 -26.97 -3.89
C PHE A 244 0.15 -28.47 -4.20
N PHE A 245 0.41 -29.28 -3.16
CA PHE A 245 0.49 -30.74 -3.30
C PHE A 245 -0.25 -31.42 -2.14
N PRO A 246 -1.60 -31.43 -2.17
CA PRO A 246 -2.38 -31.99 -1.06
C PRO A 246 -2.44 -33.53 -1.08
N SER A 252 2.92 -40.86 -2.44
CA SER A 252 2.97 -39.41 -2.58
C SER A 252 4.27 -39.00 -3.28
N GLY A 253 4.19 -38.05 -4.22
CA GLY A 253 5.37 -37.56 -4.92
C GLY A 253 6.25 -36.70 -4.01
N PRO A 254 7.58 -36.88 -4.05
CA PRO A 254 8.45 -36.00 -3.28
C PRO A 254 8.70 -34.70 -4.04
N HIS A 255 8.39 -33.57 -3.42
CA HIS A 255 8.54 -32.24 -4.03
C HIS A 255 9.54 -31.39 -3.23
N CYS A 256 10.63 -31.00 -3.88
CA CYS A 256 11.68 -30.20 -3.25
C CYS A 256 11.23 -28.75 -3.03
N THR A 257 12.09 -27.97 -2.37
CA THR A 257 11.83 -26.55 -2.08
C THR A 257 11.69 -25.73 -3.36
N LYS A 258 12.61 -25.90 -4.31
CA LYS A 258 12.54 -25.22 -5.62
C LYS A 258 11.19 -25.42 -6.31
N ALA A 259 10.65 -26.63 -6.24
CA ALA A 259 9.35 -26.96 -6.85
C ALA A 259 8.19 -26.23 -6.18
N VAL A 260 8.19 -26.19 -4.85
CA VAL A 260 7.14 -25.53 -4.08
C VAL A 260 7.14 -24.01 -4.33
N ILE A 261 8.33 -23.40 -4.26
CA ILE A 261 8.46 -21.94 -4.38
C ILE A 261 8.16 -21.45 -5.80
N ARG A 262 8.50 -22.25 -6.81
CA ARG A 262 8.20 -21.91 -8.22
C ARG A 262 6.70 -21.82 -8.51
N GLU A 263 5.91 -22.71 -7.91
CA GLU A 263 4.45 -22.72 -8.10
C GLU A 263 3.76 -21.60 -7.34
N LEU A 264 4.28 -21.24 -6.17
CA LEU A 264 3.86 -20.01 -5.49
C LEU A 264 4.08 -18.78 -6.37
N VAL A 265 5.26 -18.69 -6.97
CA VAL A 265 5.61 -17.57 -7.87
C VAL A 265 4.68 -17.51 -9.09
N HIS A 266 4.37 -18.67 -9.68
CA HIS A 266 3.58 -18.73 -10.92
C HIS A 266 2.11 -18.41 -10.67
N VAL A 267 1.54 -19.01 -9.63
CA VAL A 267 0.16 -18.75 -9.24
C VAL A 267 -0.07 -17.27 -8.93
N ILE A 268 0.82 -16.68 -8.15
CA ILE A 268 0.75 -15.26 -7.78
C ILE A 268 0.87 -14.37 -9.02
N THR A 269 1.85 -14.66 -9.89
CA THR A 269 1.97 -13.95 -11.17
C THR A 269 0.66 -14.03 -11.95
N ARG A 270 0.06 -15.22 -11.98
CA ARG A 270 -1.24 -15.43 -12.66
C ARG A 270 -2.41 -14.70 -12.00
N VAL A 271 -2.38 -14.54 -10.68
CA VAL A 271 -3.38 -13.72 -9.98
C VAL A 271 -3.17 -12.22 -10.26
N LEU A 272 -1.92 -11.78 -10.36
CA LEU A 272 -1.65 -10.35 -10.67
C LEU A 272 -1.95 -9.99 -12.12
N LEU A 273 -1.87 -10.97 -13.03
CA LEU A 273 -2.30 -10.79 -14.41
C LEU A 273 -3.80 -11.07 -14.62
N SER A 274 -4.54 -11.34 -13.54
CA SER A 274 -5.97 -11.63 -13.63
C SER A 274 -6.78 -10.34 -13.69
N SER A 275 -7.68 -10.25 -14.68
CA SER A 275 -8.57 -9.09 -14.83
C SER A 275 -10.01 -9.54 -15.13
N SER A 276 -10.95 -8.89 -14.46
CA SER A 276 -12.38 -9.11 -14.65
C SER A 276 -13.03 -8.00 -15.50
N GLU A 277 -12.24 -6.99 -15.90
CA GLU A 277 -12.74 -5.78 -16.58
C GLU A 277 -11.83 -5.38 -17.74
N LYS A 278 -11.66 -6.28 -18.70
CA LYS A 278 -10.79 -6.04 -19.87
C LYS A 278 -11.35 -4.99 -20.83
N ALA A 279 -12.66 -4.75 -20.79
CA ALA A 279 -13.33 -3.87 -21.77
C ALA A 279 -13.57 -2.44 -21.30
N ARG A 280 -14.08 -2.26 -20.09
CA ARG A 280 -14.54 -0.93 -19.62
C ARG A 280 -13.46 0.15 -19.61
N ALA A 281 -13.90 1.40 -19.74
CA ALA A 281 -13.01 2.56 -19.66
C ALA A 281 -12.78 2.89 -18.19
N GLY A 282 -11.51 3.06 -17.82
CA GLY A 282 -11.15 3.47 -16.47
C GLY A 282 -11.52 4.92 -16.23
N ALA A 283 -11.68 5.28 -14.96
CA ALA A 283 -11.91 6.69 -14.58
C ALA A 283 -10.69 7.55 -14.91
N LEU A 284 -9.50 6.96 -14.77
CA LEU A 284 -8.24 7.60 -15.16
C LEU A 284 -7.70 6.90 -16.38
N ARG A 285 -7.52 7.64 -17.47
CA ARG A 285 -6.96 7.09 -18.72
C ARG A 285 -5.60 7.72 -18.96
N LEU A 286 -4.72 7.57 -17.98
CA LEU A 286 -3.36 8.12 -18.05
C LEU A 286 -2.46 7.16 -18.83
N GLY A 287 -1.62 7.72 -19.69
CA GLY A 287 -0.71 6.94 -20.55
C GLY A 287 0.64 6.74 -19.89
N LEU A 288 1.17 5.52 -20.00
CA LEU A 288 2.48 5.19 -19.45
C LEU A 288 3.60 5.82 -20.29
N GLN A 289 4.12 6.94 -19.79
CA GLN A 289 5.25 7.63 -20.42
C GLN A 289 6.51 7.00 -19.82
N GLY A 290 7.34 6.40 -20.68
CA GLY A 290 8.43 5.52 -20.26
C GLY A 290 9.58 6.19 -19.51
N PRO A 291 10.67 5.47 -19.24
CA PRO A 291 10.91 4.09 -19.69
C PRO A 291 10.20 3.03 -18.84
N ARG A 292 10.10 1.82 -19.39
CA ARG A 292 9.46 0.69 -18.74
C ARG A 292 10.46 -0.33 -18.18
N VAL A 293 11.75 -0.09 -18.39
CA VAL A 293 12.81 -0.87 -17.76
C VAL A 293 13.68 0.07 -16.94
N CYS A 294 14.00 -0.35 -15.72
CA CYS A 294 14.86 0.40 -14.80
C CYS A 294 16.29 -0.09 -14.91
N GLU A 295 17.25 0.83 -14.85
CA GLU A 295 18.68 0.48 -14.94
C GLU A 295 19.17 -0.32 -13.73
N ALA A 296 18.64 -0.02 -12.55
CA ALA A 296 19.02 -0.75 -11.33
C ALA A 296 18.51 -2.18 -11.28
N SER A 297 17.44 -2.48 -12.02
CA SER A 297 16.90 -3.84 -12.10
C SER A 297 17.90 -4.81 -12.74
N PRO A 298 18.35 -5.85 -12.00
CA PRO A 298 19.33 -6.80 -12.55
C PRO A 298 18.86 -7.60 -13.77
N SER A 314 3.65 -7.30 -22.99
CA SER A 314 3.69 -5.96 -23.59
C SER A 314 2.88 -4.93 -22.77
N GLY A 315 2.80 -5.14 -21.46
CA GLY A 315 2.02 -4.30 -20.54
C GLY A 315 1.00 -5.10 -19.77
N LEU A 316 0.51 -4.52 -18.67
CA LEU A 316 -0.45 -5.20 -17.80
C LEU A 316 -1.85 -5.27 -18.42
N PRO A 317 -2.64 -6.31 -18.05
CA PRO A 317 -4.04 -6.40 -18.50
C PRO A 317 -4.92 -5.27 -17.97
N LYS A 318 -5.79 -4.75 -18.83
CA LYS A 318 -6.54 -3.50 -18.56
C LYS A 318 -7.31 -3.47 -17.24
N GLY A 319 -7.95 -4.59 -16.88
CA GLY A 319 -8.80 -4.63 -15.69
C GLY A 319 -8.11 -5.08 -14.40
N CYS A 320 -6.84 -5.44 -14.47
CA CYS A 320 -6.16 -6.05 -13.32
C CYS A 320 -5.85 -4.99 -12.27
N LEU A 321 -5.81 -5.42 -11.01
CA LEU A 321 -5.63 -4.51 -9.89
C LEU A 321 -4.30 -3.75 -9.90
N LEU A 322 -3.26 -4.37 -10.44
CA LEU A 322 -1.93 -3.77 -10.49
C LEU A 322 -1.91 -2.61 -11.50
N TYR A 323 -2.59 -2.81 -12.63
CA TYR A 323 -2.81 -1.74 -13.62
C TYR A 323 -3.59 -0.57 -13.02
N LYS A 324 -4.70 -0.87 -12.37
CA LYS A 324 -5.57 0.15 -11.80
C LYS A 324 -4.85 0.94 -10.72
N THR A 325 -4.09 0.23 -9.88
CA THR A 325 -3.22 0.86 -8.88
C THR A 325 -2.22 1.81 -9.54
N LEU A 326 -1.56 1.34 -10.60
CA LEU A 326 -0.60 2.16 -11.31
C LEU A 326 -1.21 3.44 -11.89
N GLN A 327 -2.48 3.38 -12.34
CA GLN A 327 -3.18 4.56 -12.86
C GLN A 327 -3.37 5.64 -11.81
N VAL A 328 -3.78 5.26 -10.60
CA VAL A 328 -3.97 6.25 -9.53
C VAL A 328 -2.61 6.79 -9.04
N GLN A 329 -1.58 5.94 -9.03
CA GLN A 329 -0.19 6.40 -8.78
C GLN A 329 0.28 7.48 -9.79
N MET A 330 -0.16 7.37 -11.03
CA MET A 330 0.22 8.32 -12.10
C MET A 330 -0.43 9.72 -12.04
N LEU A 331 -1.35 9.94 -11.10
CA LEU A 331 -1.83 11.29 -10.77
C LEU A 331 -0.70 12.23 -10.38
N ASP A 332 0.41 11.67 -9.88
CA ASP A 332 1.68 12.37 -9.76
C ASP A 332 2.29 12.57 -11.15
N GLN A 333 1.74 13.53 -11.88
CA GLN A 333 2.18 13.82 -13.24
C GLN A 333 3.41 14.73 -13.25
N LEU A 334 3.53 15.58 -12.23
CA LEU A 334 4.56 16.62 -12.19
C LEU A 334 5.84 16.21 -11.48
N ASP A 335 5.83 15.10 -10.75
CA ASP A 335 6.88 14.76 -9.76
C ASP A 335 6.82 15.73 -8.58
N ILE A 336 7.40 15.33 -7.46
CA ILE A 336 7.53 16.20 -6.27
C ILE A 336 8.29 17.54 -6.50
N GLU A 337 9.06 17.66 -7.58
CA GLU A 337 10.03 18.76 -7.75
C GLU A 337 9.62 20.22 -8.07
N GLY A 338 8.63 20.53 -8.92
CA GLY A 338 7.62 19.64 -9.47
C GLY A 338 6.29 20.08 -8.87
N LEU A 339 5.81 19.30 -7.91
CA LEU A 339 4.61 19.60 -7.14
C LEU A 339 4.85 20.56 -5.97
N TYR A 340 6.04 20.52 -5.38
CA TYR A 340 6.38 21.33 -4.19
C TYR A 340 6.20 22.85 -4.37
N PRO A 341 6.57 23.40 -5.54
CA PRO A 341 6.23 24.80 -5.82
C PRO A 341 4.73 25.11 -5.74
N LEU A 342 3.90 24.20 -6.25
CA LEU A 342 2.45 24.35 -6.19
C LEU A 342 1.92 24.18 -4.76
N TYR A 343 2.61 23.39 -3.93
CA TYR A 343 2.30 23.31 -2.50
C TYR A 343 2.45 24.66 -1.81
N LYS A 344 3.52 25.38 -2.15
CA LYS A 344 3.81 26.68 -1.54
C LYS A 344 2.76 27.73 -1.91
N ARG A 345 2.32 27.70 -3.17
CA ARG A 345 1.25 28.58 -3.67
C ARG A 345 -0.04 28.38 -2.87
N VAL A 346 -0.37 27.13 -2.60
CA VAL A 346 -1.57 26.77 -1.82
C VAL A 346 -1.40 27.15 -0.34
N GLU A 347 -0.20 26.90 0.21
CA GLU A 347 0.12 27.30 1.60
C GLU A 347 0.06 28.81 1.79
N GLN A 348 0.74 29.54 0.90
CA GLN A 348 0.70 30.99 0.85
C GLN A 348 -0.73 31.51 0.90
N TYR A 349 -1.61 30.90 0.09
CA TYR A 349 -3.02 31.27 0.07
C TYR A 349 -3.70 30.96 1.39
N LEU A 350 -3.49 29.76 1.91
CA LEU A 350 -4.14 29.32 3.15
C LEU A 350 -3.65 30.09 4.39
N GLU A 351 -2.40 30.58 4.36
CA GLU A 351 -1.90 31.44 5.43
C GLU A 351 -2.56 32.81 5.37
N GLU A 352 -2.73 33.35 4.15
CA GLU A 352 -3.51 34.58 3.94
C GLU A 352 -4.97 34.40 4.39
N PHE A 353 -5.57 33.26 4.05
CA PHE A 353 -7.00 32.99 4.31
C PHE A 353 -7.19 31.68 5.10
N PRO A 354 -6.93 31.72 6.43
CA PRO A 354 -7.03 30.52 7.29
C PRO A 354 -8.40 29.84 7.34
N GLU A 355 -9.48 30.62 7.19
CA GLU A 355 -10.85 30.11 7.28
C GLU A 355 -11.17 29.21 6.09
N GLU A 356 -10.52 29.48 4.96
CA GLU A 356 -10.75 28.77 3.70
C GLU A 356 -10.21 27.33 3.68
N ARG A 357 -9.38 26.98 4.66
CA ARG A 357 -8.83 25.62 4.80
C ARG A 357 -9.94 24.57 4.95
N LYS A 358 -10.87 24.84 5.85
CA LYS A 358 -12.07 24.00 6.02
C LYS A 358 -12.99 24.07 4.79
N THR A 359 -13.21 25.30 4.31
CA THR A 359 -14.02 25.58 3.12
C THR A 359 -13.60 24.81 1.87
N LEU A 360 -12.30 24.77 1.60
CA LEU A 360 -11.76 24.09 0.41
C LEU A 360 -11.51 22.59 0.59
N GLN A 361 -12.00 22.00 1.69
CA GLN A 361 -11.95 20.56 1.92
C GLN A 361 -10.54 20.00 1.82
N ILE A 362 -9.60 20.68 2.48
CA ILE A 362 -8.20 20.28 2.47
C ILE A 362 -8.04 19.02 3.30
N ASP A 363 -8.71 18.97 4.45
CA ASP A 363 -8.76 17.78 5.30
C ASP A 363 -10.16 17.15 5.33
N GLY A 364 -10.82 17.17 4.18
CA GLY A 364 -12.16 16.58 4.03
C GLY A 364 -13.32 17.57 4.13
N PRO A 365 -14.56 17.07 4.02
CA PRO A 365 -14.91 15.67 3.80
C PRO A 365 -14.48 15.17 2.43
N TYR A 366 -13.99 13.93 2.37
CA TYR A 366 -13.53 13.34 1.12
C TYR A 366 -14.72 12.71 0.42
N ASP A 367 -15.52 13.57 -0.20
CA ASP A 367 -16.84 13.21 -0.71
C ASP A 367 -16.91 13.29 -2.24
N GLU A 368 -18.12 13.35 -2.79
CA GLU A 368 -18.35 13.25 -4.22
C GLU A 368 -17.77 14.45 -4.96
N VAL A 369 -17.87 15.64 -4.35
CA VAL A 369 -17.27 16.86 -4.93
C VAL A 369 -15.74 16.83 -4.84
N PHE A 370 -15.19 16.27 -3.76
CA PHE A 370 -13.74 16.05 -3.66
C PHE A 370 -13.25 15.16 -4.79
N TYR A 371 -13.94 14.04 -4.99
CA TYR A 371 -13.62 13.10 -6.05
C TYR A 371 -13.64 13.76 -7.42
N GLN A 372 -14.71 14.47 -7.71
CA GLN A 372 -14.91 15.09 -9.01
C GLN A 372 -13.76 16.02 -9.40
N LYS A 373 -13.23 16.76 -8.42
CA LYS A 373 -12.15 17.71 -8.69
C LYS A 373 -10.80 17.06 -8.99
N LEU A 374 -10.64 15.77 -8.66
CA LEU A 374 -9.43 15.02 -9.03
C LEU A 374 -9.38 14.64 -10.52
N LEU A 375 -10.51 14.73 -11.21
CA LEU A 375 -10.59 14.29 -12.61
C LEU A 375 -10.02 15.28 -13.63
N ASP A 376 -9.69 16.51 -13.20
CA ASP A 376 -9.02 17.49 -14.08
C ASP A 376 -7.53 17.13 -14.22
N LEU A 377 -7.22 16.31 -15.24
CA LEU A 377 -5.86 15.82 -15.47
C LEU A 377 -4.97 16.74 -16.33
N SER A 378 -5.43 17.96 -16.58
CA SER A 378 -4.65 18.94 -17.35
C SER A 378 -3.39 19.32 -16.57
N THR A 379 -2.25 19.23 -17.25
CA THR A 379 -0.94 19.51 -16.66
C THR A 379 -0.38 20.92 -16.99
N GLU A 380 -1.20 21.77 -17.61
CA GLU A 380 -0.76 23.13 -18.01
C GLU A 380 -1.04 24.13 -16.89
N ASP A 381 0.03 24.75 -16.39
CA ASP A 381 -0.06 25.67 -15.25
C ASP A 381 -0.51 27.05 -15.73
N ASP A 382 -1.57 27.57 -15.10
CA ASP A 382 -2.08 28.92 -15.37
C ASP A 382 -1.78 29.90 -14.23
N GLY A 383 -0.87 29.51 -13.32
CA GLY A 383 -0.46 30.36 -12.20
C GLY A 383 -1.49 30.61 -11.13
N THR A 384 -2.54 29.79 -11.09
CA THR A 384 -3.67 29.98 -10.18
C THR A 384 -3.55 29.07 -8.98
N VAL A 385 -4.21 29.46 -7.88
CA VAL A 385 -4.27 28.65 -6.68
C VAL A 385 -5.08 27.37 -6.96
N ALA A 386 -6.23 27.52 -7.62
CA ALA A 386 -7.07 26.41 -8.06
C ALA A 386 -6.32 25.30 -8.81
N PHE A 387 -5.42 25.69 -9.71
CA PHE A 387 -4.58 24.73 -10.43
C PHE A 387 -3.66 24.02 -9.45
N ALA A 388 -2.92 24.82 -8.68
CA ALA A 388 -2.00 24.29 -7.68
C ALA A 388 -2.68 23.35 -6.69
N LEU A 389 -3.84 23.77 -6.20
CA LEU A 389 -4.63 22.98 -5.24
C LEU A 389 -5.05 21.65 -5.82
N THR A 390 -5.55 21.68 -7.05
CA THR A 390 -5.94 20.46 -7.77
C THR A 390 -4.77 19.47 -7.85
N LYS A 391 -3.61 19.96 -8.26
CA LYS A 391 -2.40 19.12 -8.37
C LYS A 391 -1.92 18.59 -7.02
N VAL A 392 -2.09 19.39 -5.96
CA VAL A 392 -1.74 18.97 -4.60
C VAL A 392 -2.62 17.80 -4.14
N GLN A 393 -3.93 17.91 -4.34
CA GLN A 393 -4.86 16.86 -3.91
C GLN A 393 -4.67 15.59 -4.72
N GLN A 394 -4.38 15.74 -6.01
CA GLN A 394 -4.03 14.59 -6.84
C GLN A 394 -2.74 13.89 -6.39
N TYR A 395 -1.74 14.68 -5.99
CA TYR A 395 -0.46 14.13 -5.53
C TYR A 395 -0.61 13.31 -4.24
N ARG A 396 -1.45 13.78 -3.32
CA ARG A 396 -1.74 13.05 -2.07
C ARG A 396 -2.38 11.68 -2.35
N VAL A 397 -3.28 11.66 -3.33
CA VAL A 397 -3.94 10.42 -3.73
C VAL A 397 -2.92 9.44 -4.35
N ALA A 398 -2.01 9.97 -5.18
CA ALA A 398 -0.94 9.15 -5.76
C ALA A 398 0.01 8.60 -4.69
N MET A 399 0.37 9.42 -3.70
N MET A 399 0.37 9.40 -3.69
CA MET A 399 1.16 8.98 -2.54
CA MET A 399 1.20 8.93 -2.57
C MET A 399 0.51 7.78 -1.84
C MET A 399 0.52 7.79 -1.79
N THR A 400 -0.80 7.85 -1.65
CA THR A 400 -1.58 6.78 -1.02
C THR A 400 -1.55 5.48 -1.82
N ALA A 401 -1.65 5.59 -3.14
CA ALA A 401 -1.58 4.42 -4.03
C ALA A 401 -0.18 3.83 -4.14
N LYS A 402 0.85 4.68 -3.98
CA LYS A 402 2.23 4.22 -3.97
C LYS A 402 2.64 3.49 -2.70
N ASP A 403 1.92 3.69 -1.60
CA ASP A 403 2.24 3.06 -0.33
C ASP A 403 1.19 2.03 0.12
N CYS A 404 0.32 1.60 -0.80
CA CYS A 404 -0.75 0.66 -0.46
C CYS A 404 -0.27 -0.78 -0.58
N SER A 405 -0.99 -1.68 0.10
CA SER A 405 -0.70 -3.12 0.05
C SER A 405 -1.78 -3.87 -0.74
N ILE A 406 -1.38 -4.97 -1.37
CA ILE A 406 -2.28 -5.84 -2.10
C ILE A 406 -2.30 -7.19 -1.40
N MET A 407 -3.48 -7.65 -1.00
CA MET A 407 -3.67 -8.94 -0.36
C MET A 407 -4.27 -9.94 -1.34
N ILE A 408 -3.58 -11.06 -1.56
CA ILE A 408 -4.05 -12.15 -2.43
C ILE A 408 -4.39 -13.37 -1.58
N ALA A 409 -5.64 -13.82 -1.64
CA ALA A 409 -6.09 -15.02 -0.93
C ALA A 409 -6.06 -16.23 -1.86
N LEU A 410 -5.76 -17.39 -1.28
CA LEU A 410 -5.78 -18.67 -1.99
C LEU A 410 -6.40 -19.73 -1.07
N SER A 411 -7.38 -20.46 -1.59
CA SER A 411 -8.01 -21.56 -0.88
C SER A 411 -8.34 -22.68 -1.86
N PRO A 412 -8.12 -23.96 -1.49
CA PRO A 412 -8.46 -25.03 -2.39
C PRO A 412 -9.98 -25.28 -2.38
N CYS A 413 -10.58 -25.36 -3.57
CA CYS A 413 -12.03 -25.55 -3.71
C CYS A 413 -12.35 -26.99 -4.09
N PRO A 423 -16.38 -20.15 -8.78
CA PRO A 423 -16.20 -18.70 -8.62
C PRO A 423 -15.06 -18.17 -9.53
N VAL A 424 -13.89 -17.84 -8.97
CA VAL A 424 -12.71 -17.39 -9.76
C VAL A 424 -11.52 -18.27 -9.39
N ILE A 425 -10.91 -18.91 -10.40
CA ILE A 425 -9.96 -20.02 -10.20
C ILE A 425 -8.77 -19.89 -11.17
N PRO A 426 -7.51 -20.02 -10.68
CA PRO A 426 -6.38 -20.12 -11.61
C PRO A 426 -5.89 -21.56 -11.70
N SER A 427 -5.12 -21.85 -12.75
CA SER A 427 -4.57 -23.19 -12.95
C SER A 427 -3.44 -23.48 -11.95
N SER A 428 -3.40 -24.73 -11.46
CA SER A 428 -2.44 -25.18 -10.45
C SER A 428 -2.50 -26.70 -10.31
N ARG A 429 -1.63 -27.27 -9.46
CA ARG A 429 -1.67 -28.71 -9.17
C ARG A 429 -2.68 -29.06 -8.06
N SER A 430 -3.31 -28.05 -7.47
CA SER A 430 -4.58 -28.21 -6.76
C SER A 430 -5.65 -27.52 -7.61
N ARG A 431 -6.81 -27.23 -7.03
CA ARG A 431 -7.80 -26.34 -7.66
C ARG A 431 -8.12 -25.22 -6.67
N LEU A 432 -7.56 -24.04 -6.94
CA LEU A 432 -7.57 -22.91 -5.98
C LEU A 432 -8.59 -21.83 -6.32
N ALA A 433 -9.40 -21.44 -5.33
CA ALA A 433 -10.28 -20.28 -5.46
C ALA A 433 -9.55 -19.07 -4.86
N PHE A 434 -9.45 -17.99 -5.63
CA PHE A 434 -8.66 -16.82 -5.22
C PHE A 434 -9.48 -15.53 -5.09
N SER A 435 -9.04 -14.68 -4.16
CA SER A 435 -9.62 -13.35 -3.96
C SER A 435 -8.48 -12.33 -3.93
N VAL A 436 -8.78 -11.09 -4.32
CA VAL A 436 -7.80 -10.01 -4.30
C VAL A 436 -8.40 -8.78 -3.62
N SER A 437 -7.56 -8.06 -2.89
CA SER A 437 -7.97 -6.87 -2.14
C SER A 437 -6.86 -5.82 -2.12
N VAL A 438 -7.23 -4.57 -1.86
CA VAL A 438 -6.26 -3.51 -1.58
C VAL A 438 -6.42 -3.08 -0.12
N LEU A 439 -5.27 -2.86 0.52
CA LEU A 439 -5.17 -2.45 1.92
C LEU A 439 -4.41 -1.14 2.01
N ASP A 440 -4.53 -0.47 3.16
CA ASP A 440 -3.72 0.71 3.48
C ASP A 440 -4.04 1.88 2.54
N LEU A 441 -5.31 2.29 2.56
CA LEU A 441 -5.82 3.34 1.68
C LEU A 441 -6.38 4.53 2.47
N ASP A 442 -5.60 5.02 3.43
CA ASP A 442 -5.90 6.30 4.08
C ASP A 442 -5.10 7.39 3.37
N LEU A 443 -5.78 8.49 3.05
CA LEU A 443 -5.18 9.56 2.24
C LEU A 443 -4.01 10.16 3.00
N LYS A 444 -2.92 10.37 2.29
CA LYS A 444 -1.70 10.90 2.88
C LYS A 444 -1.91 12.37 3.19
N PRO A 445 -1.34 12.87 4.30
CA PRO A 445 -1.64 14.23 4.76
C PRO A 445 -1.00 15.33 3.92
N TYR A 446 -1.69 16.47 3.86
CA TYR A 446 -1.21 17.70 3.21
C TYR A 446 0.15 18.16 3.75
N GLU A 447 0.34 17.97 5.06
CA GLU A 447 1.49 18.51 5.78
C GLU A 447 2.82 17.81 5.47
N SER A 448 2.76 16.59 4.94
CA SER A 448 3.96 15.79 4.66
C SER A 448 4.63 16.09 3.31
N ILE A 449 4.06 16.96 2.50
CA ILE A 449 4.56 17.19 1.14
C ILE A 449 5.98 17.82 1.10
N PRO A 450 6.27 18.78 1.99
CA PRO A 450 7.67 19.23 2.12
C PRO A 450 8.65 18.12 2.52
N HIS A 451 8.24 17.22 3.41
CA HIS A 451 9.04 16.05 3.76
C HIS A 451 9.38 15.20 2.53
N GLN A 452 8.41 14.97 1.65
CA GLN A 452 8.64 14.23 0.40
C GLN A 452 9.67 14.92 -0.49
N TYR A 453 9.61 16.25 -0.54
CA TYR A 453 10.57 17.05 -1.29
C TYR A 453 11.99 16.90 -0.71
N LYS A 454 12.10 17.00 0.60
CA LYS A 454 13.40 16.87 1.30
C LYS A 454 14.00 15.47 1.19
N LEU A 455 13.15 14.46 1.35
CA LEU A 455 13.57 13.06 1.29
C LEU A 455 14.04 12.67 -0.11
N ASP A 456 13.28 13.08 -1.12
CA ASP A 456 13.57 12.78 -2.53
C ASP A 456 14.96 13.26 -2.97
N SER A 457 15.31 14.48 -2.55
CA SER A 457 16.64 15.04 -2.77
C SER A 457 17.73 14.13 -2.20
N LYS A 458 17.56 13.72 -0.95
CA LYS A 458 18.55 12.88 -0.27
C LYS A 458 18.73 11.50 -0.90
N ILE A 459 17.63 10.89 -1.32
CA ILE A 459 17.67 9.57 -1.98
C ILE A 459 18.47 9.64 -3.27
N VAL A 460 18.23 10.67 -4.06
CA VAL A 460 18.87 10.81 -5.36
C VAL A 460 20.35 11.20 -5.22
N ASN A 461 20.65 12.15 -4.32
CA ASN A 461 22.03 12.58 -4.09
C ASN A 461 22.90 11.47 -3.53
N TYR A 462 22.38 10.73 -2.55
CA TYR A 462 23.13 9.62 -1.94
C TYR A 462 23.35 8.48 -2.92
N TYR A 463 22.34 8.18 -3.74
CA TYR A 463 22.48 7.19 -4.81
C TYR A 463 23.53 7.64 -5.82
N SER A 464 23.43 8.90 -6.25
CA SER A 464 24.40 9.50 -7.19
C SER A 464 25.85 9.44 -6.70
N LYS A 465 26.05 9.52 -5.39
CA LYS A 465 27.38 9.29 -4.79
C LYS A 465 27.79 7.81 -4.91
N THR A 466 26.89 6.90 -4.55
CA THR A 466 27.18 5.46 -4.54
C THR A 466 27.30 4.87 -5.96
N VAL A 467 26.18 4.85 -6.68
CA VAL A 467 26.10 4.30 -8.06
C VAL A 467 26.60 2.85 -8.17
PG ATP B . 2.04 1.44 6.44
O1G ATP B . 1.43 2.71 5.90
O2G ATP B . 3.38 1.66 7.18
O3G ATP B . 2.24 0.37 5.37
PB ATP B . -0.22 1.31 8.29
O1B ATP B . -0.88 2.42 7.47
O2B ATP B . 0.21 1.81 9.62
O3B ATP B . 1.03 0.76 7.48
PA ATP B . -1.65 -1.14 7.60
O1A ATP B . -2.87 -0.89 6.81
O2A ATP B . -0.48 -1.44 6.66
O3A ATP B . -1.29 0.14 8.47
O5' ATP B . -1.80 -2.32 8.67
C5' ATP B . -0.70 -3.05 9.26
C4' ATP B . -0.72 -4.49 8.82
O4' ATP B . -1.89 -5.15 9.36
C3' ATP B . -0.80 -4.74 7.33
O3' ATP B . 0.49 -4.65 6.74
C2' ATP B . -1.38 -6.16 7.27
O2' ATP B . -0.40 -7.17 7.47
C1' ATP B . -2.36 -6.14 8.46
N9 ATP B . -3.74 -5.83 8.09
C8 ATP B . -4.32 -4.60 7.98
N7 ATP B . -5.60 -4.64 7.68
C5 ATP B . -5.87 -6.00 7.56
C6 ATP B . -7.04 -6.70 7.24
N6 ATP B . -8.22 -6.12 7.01
N1 ATP B . -6.96 -8.05 7.17
C2 ATP B . -5.79 -8.64 7.43
N3 ATP B . -4.62 -8.08 7.76
C4 ATP B . -4.72 -6.74 7.80
O31 5MY C . 6.89 2.04 8.17
P1 5MY C . 7.70 1.69 6.95
O21 5MY C . 7.84 0.21 6.71
O41 5MY C . 9.02 2.42 6.87
O11 5MY C . 6.85 2.23 5.70
C1 5MY C . 6.66 3.62 5.44
C2 5MY C . 5.19 3.96 5.60
O12 5MY C . 4.41 3.16 4.70
C3 5MY C . 4.91 5.44 5.32
O13 5MY C . 3.50 5.68 5.27
P3 5MY C . 2.68 6.29 6.52
O23 5MY C . 3.10 5.42 7.67
O33 5MY C . 3.16 7.72 6.59
O43 5MY C . 1.23 6.13 6.15
C6 5MY C . 7.12 3.98 4.04
O16 5MY C . 8.51 3.68 3.90
P6 5MY C . 9.10 2.41 3.11
O26 5MY C . 7.91 1.61 2.64
O36 5MY C . 9.94 2.98 2.01
O46 5MY C . 9.92 1.70 4.16
C5 5MY C . 6.93 5.46 3.74
O15 5MY C . 7.19 5.70 2.36
P5 5MY C . 8.52 6.43 1.76
O25 5MY C . 9.22 7.11 2.91
O35 5MY C . 7.98 7.37 0.71
O45 5MY C . 9.29 5.28 1.18
C4 5MY C . 5.50 5.92 4.00
O14 5MY C . 5.52 7.34 4.05
P4 5MY C . 4.96 8.33 2.91
O34 5MY C . 6.20 8.95 2.34
O44 5MY C . 4.12 9.28 3.71
O24 5MY C . 4.21 7.49 1.90
ZN ZN D . 14.29 -0.33 -10.32
MG MG E . -0.64 4.12 5.81
MG MG F . 0.85 -1.20 5.30
C ACT G . -20.38 16.27 -12.19
O ACT G . -21.13 15.80 -13.08
OXT ACT G . -19.99 15.56 -11.23
CH3 ACT G . -19.90 17.68 -12.29
#